data_7M8T
#
_entry.id   7M8T
#
_cell.length_a   49.873
_cell.length_b   38.451
_cell.length_c   110.059
_cell.angle_alpha   90.000
_cell.angle_beta   94.630
_cell.angle_gamma   90.000
#
_symmetry.space_group_name_H-M   'P 1 21 1'
#
loop_
_entity.id
_entity.type
_entity.pdbx_description
1 polymer 'HLA class I histocompatibility antigen, A alpha chain'
2 polymer Beta-2-microglobulin
3 polymer 'Spike protein S1 peptide'
4 non-polymer GLYCEROL
5 non-polymer 'SULFATE ION'
6 non-polymer 'SODIUM ION'
7 non-polymer 'CHLORIDE ION'
8 non-polymer 'CALCIUM ION'
9 water water
#
loop_
_entity_poly.entity_id
_entity_poly.type
_entity_poly.pdbx_seq_one_letter_code
_entity_poly.pdbx_strand_id
1 'polypeptide(L)'
;GSHSMRYFYTSVSRPGRGEPRFIAVGYVDDTQFVRFDSDAASQRMEPRAPWIEQEGPEYWDQETRNVKAQSQTDRVDLGT
LRGYYNQSEDGSHTIQIMYGCDVGPDGRFLRGYRQDAYDGKDYIALNEDLRSWTAADMAAQITKRKWEAAHAAEQQRAYL
EGRCVEWLRRYLENGKETLQRTDPPKTHMTHHPISDHEATLRCWALGFYPAEITLTWQRDGEDQTQDTELVETRPAGDGT
FQKWAAVVVPSGEEQRYTCHVQHEGLPKPLTLRWELS
;
A
2 'polypeptide(L)'
;MIQRTPKIQVYSRHPAENGKSNFLNCYVSGFHPSDIEVDLLKNGERIEKVEHSDLSFSKDWSFYLLYYTEFTPTEKDEYA
CRVNHVTLSQPKIVKWDRDM
;
B
3 'polypeptide(L)' NSASFSTFK C
#
loop_
_chem_comp.id
_chem_comp.type
_chem_comp.name
_chem_comp.formula
CA non-polymer 'CALCIUM ION' 'Ca 2'
CL non-polymer 'CHLORIDE ION' 'Cl -1'
GOL non-polymer GLYCEROL 'C3 H8 O3'
NA non-polymer 'SODIUM ION' 'Na 1'
SO4 non-polymer 'SULFATE ION' 'O4 S -2'
#
# COMPACT_ATOMS: atom_id res chain seq x y z
N GLY A 1 15.16 14.09 5.59
CA GLY A 1 15.78 13.03 4.81
C GLY A 1 15.30 12.95 3.37
N SER A 2 15.37 11.75 2.78
CA SER A 2 14.99 11.48 1.41
C SER A 2 13.46 11.39 1.23
N HIS A 3 12.98 11.65 0.00
CA HIS A 3 11.54 11.62 -0.27
C HIS A 3 11.22 10.98 -1.60
N SER A 4 9.98 10.54 -1.78
CA SER A 4 9.58 9.96 -3.06
C SER A 4 8.24 10.46 -3.49
N MET A 5 8.01 10.41 -4.82
CA MET A 5 6.66 10.67 -5.35
C MET A 5 6.37 9.47 -6.23
N ARG A 6 5.21 8.81 -6.06
CA ARG A 6 4.87 7.64 -6.86
CA ARG A 6 4.85 7.62 -6.83
C ARG A 6 3.41 7.67 -7.29
N TYR A 7 3.14 7.16 -8.50
CA TYR A 7 1.79 6.99 -9.02
C TYR A 7 1.59 5.49 -9.26
N PHE A 8 0.42 5.00 -8.92
CA PHE A 8 0.07 3.60 -9.06
C PHE A 8 -1.22 3.54 -9.84
N TYR A 9 -1.24 2.77 -10.94
CA TYR A 9 -2.44 2.65 -11.75
C TYR A 9 -2.83 1.18 -11.83
N THR A 10 -4.12 0.89 -11.78
CA THR A 10 -4.63 -0.48 -11.96
C THR A 10 -5.81 -0.45 -12.93
N SER A 11 -5.72 -1.26 -14.01
CA SER A 11 -6.84 -1.39 -14.95
C SER A 11 -7.24 -2.84 -14.98
N VAL A 12 -8.55 -3.11 -14.84
CA VAL A 12 -9.05 -4.49 -14.82
C VAL A 12 -10.11 -4.67 -15.89
N SER A 13 -9.92 -5.65 -16.80
CA SER A 13 -10.95 -5.88 -17.81
C SER A 13 -12.16 -6.56 -17.19
N ARG A 14 -13.33 -6.27 -17.73
CA ARG A 14 -14.58 -6.83 -17.23
CA ARG A 14 -14.59 -6.80 -17.24
C ARG A 14 -15.33 -7.49 -18.39
N PRO A 15 -14.95 -8.74 -18.70
CA PRO A 15 -15.57 -9.46 -19.83
C PRO A 15 -17.08 -9.44 -19.85
N GLY A 16 -17.64 -9.10 -21.01
CA GLY A 16 -19.07 -9.01 -21.24
C GLY A 16 -19.80 -8.03 -20.34
N ARG A 17 -19.12 -6.94 -19.93
CA ARG A 17 -19.73 -5.96 -19.03
C ARG A 17 -19.19 -4.54 -19.25
N GLY A 18 -18.82 -4.22 -20.48
CA GLY A 18 -18.36 -2.90 -20.83
C GLY A 18 -16.94 -2.55 -20.42
N GLU A 19 -16.74 -1.27 -20.08
CA GLU A 19 -15.44 -0.68 -19.74
C GLU A 19 -14.75 -1.28 -18.54
N PRO A 20 -13.41 -1.32 -18.57
CA PRO A 20 -12.67 -1.82 -17.41
C PRO A 20 -12.73 -0.88 -16.20
N ARG A 21 -12.35 -1.37 -15.03
CA ARG A 21 -12.28 -0.53 -13.84
CA ARG A 21 -12.27 -0.56 -13.83
C ARG A 21 -10.87 0.08 -13.89
N PHE A 22 -10.75 1.38 -13.67
CA PHE A 22 -9.43 2.03 -13.69
C PHE A 22 -9.31 2.85 -12.41
N ILE A 23 -8.25 2.62 -11.64
CA ILE A 23 -8.00 3.37 -10.43
C ILE A 23 -6.58 3.91 -10.47
N ALA A 24 -6.41 5.21 -10.18
CA ALA A 24 -5.07 5.78 -10.10
C ALA A 24 -4.92 6.43 -8.74
N VAL A 25 -3.75 6.26 -8.10
CA VAL A 25 -3.48 6.98 -6.84
C VAL A 25 -2.07 7.59 -6.92
N GLY A 26 -1.91 8.73 -6.29
CA GLY A 26 -0.59 9.35 -6.21
C GLY A 26 -0.22 9.53 -4.75
N TYR A 27 1.08 9.33 -4.45
CA TYR A 27 1.63 9.45 -3.10
C TYR A 27 2.89 10.30 -3.07
N VAL A 28 3.08 11.00 -1.95
CA VAL A 28 4.36 11.62 -1.62
C VAL A 28 4.73 10.87 -0.35
N ASP A 29 5.81 10.11 -0.41
CA ASP A 29 6.24 9.22 0.69
C ASP A 29 5.05 8.26 1.01
N ASP A 30 4.60 8.15 2.28
CA ASP A 30 3.48 7.30 2.61
C ASP A 30 2.16 8.03 2.67
N THR A 31 2.08 9.27 2.10
CA THR A 31 0.87 10.07 2.13
C THR A 31 0.17 10.15 0.77
N GLN A 32 -1.05 9.63 0.68
CA GLN A 32 -1.80 9.73 -0.60
C GLN A 32 -2.23 11.17 -0.78
N PHE A 33 -2.14 11.71 -2.02
CA PHE A 33 -2.55 13.09 -2.23
C PHE A 33 -3.54 13.27 -3.38
N VAL A 34 -3.68 12.28 -4.29
CA VAL A 34 -4.67 12.37 -5.36
C VAL A 34 -5.25 10.99 -5.66
N ARG A 35 -6.41 10.96 -6.30
CA ARG A 35 -6.98 9.70 -6.77
C ARG A 35 -7.81 9.96 -8.02
N PHE A 36 -8.00 8.92 -8.81
CA PHE A 36 -8.96 8.94 -9.91
C PHE A 36 -9.61 7.58 -9.88
N ASP A 37 -10.94 7.51 -9.92
CA ASP A 37 -11.63 6.21 -9.91
C ASP A 37 -12.65 6.28 -11.02
N SER A 38 -12.53 5.40 -12.03
CA SER A 38 -13.45 5.39 -13.17
C SER A 38 -14.92 5.16 -12.76
N ASP A 39 -15.16 4.54 -11.61
CA ASP A 39 -16.53 4.30 -11.12
C ASP A 39 -17.15 5.48 -10.36
N ALA A 40 -16.35 6.47 -10.00
CA ALA A 40 -16.84 7.62 -9.25
C ALA A 40 -17.55 8.63 -10.16
N ALA A 41 -18.40 9.49 -9.57
CA ALA A 41 -19.20 10.42 -10.34
C ALA A 41 -18.45 11.55 -11.05
N SER A 42 -17.41 12.12 -10.43
CA SER A 42 -16.76 13.30 -11.00
C SER A 42 -16.02 13.13 -12.32
N GLN A 43 -15.40 11.96 -12.55
CA GLN A 43 -14.55 11.74 -13.73
C GLN A 43 -13.39 12.76 -13.75
N ARG A 44 -12.90 13.12 -12.55
CA ARG A 44 -11.80 14.04 -12.42
C ARG A 44 -10.76 13.43 -11.49
N MET A 45 -9.51 13.93 -11.62
CA MET A 45 -8.51 13.65 -10.59
C MET A 45 -8.97 14.46 -9.35
N GLU A 46 -9.04 13.82 -8.18
CA GLU A 46 -9.53 14.46 -6.96
C GLU A 46 -8.45 14.57 -5.89
N PRO A 47 -8.52 15.62 -5.04
CA PRO A 47 -7.54 15.79 -3.98
C PRO A 47 -7.79 14.83 -2.81
N ARG A 48 -6.72 14.42 -2.16
CA ARG A 48 -6.76 13.52 -1.01
C ARG A 48 -5.86 13.98 0.14
N ALA A 49 -5.21 15.14 0.02
CA ALA A 49 -4.38 15.74 1.08
C ALA A 49 -4.66 17.23 1.08
N PRO A 50 -4.65 17.91 2.24
CA PRO A 50 -5.00 19.34 2.26
C PRO A 50 -4.10 20.24 1.42
N TRP A 51 -2.80 19.94 1.38
CA TRP A 51 -1.81 20.77 0.71
C TRP A 51 -1.88 20.75 -0.82
N ILE A 52 -2.63 19.79 -1.42
CA ILE A 52 -2.77 19.82 -2.89
C ILE A 52 -3.99 20.66 -3.30
N GLU A 53 -4.93 20.94 -2.36
CA GLU A 53 -6.17 21.67 -2.68
C GLU A 53 -5.93 23.07 -3.24
N GLN A 54 -4.78 23.68 -2.96
CA GLN A 54 -4.44 25.02 -3.43
C GLN A 54 -4.12 25.09 -4.91
N GLU A 55 -3.83 23.93 -5.56
CA GLU A 55 -3.55 23.93 -6.99
C GLU A 55 -4.80 24.37 -7.74
N GLY A 56 -4.58 25.19 -8.76
CA GLY A 56 -5.62 25.81 -9.54
C GLY A 56 -6.31 24.97 -10.59
N PRO A 57 -7.32 25.57 -11.24
CA PRO A 57 -8.11 24.82 -12.23
C PRO A 57 -7.29 24.19 -13.33
N GLU A 58 -6.25 24.88 -13.83
CA GLU A 58 -5.43 24.33 -14.92
C GLU A 58 -4.71 23.04 -14.49
N TYR A 59 -4.29 23.00 -13.22
CA TYR A 59 -3.63 21.80 -12.67
C TYR A 59 -4.59 20.63 -12.69
N TRP A 60 -5.79 20.79 -12.15
CA TRP A 60 -6.77 19.69 -12.11
C TRP A 60 -7.23 19.26 -13.48
N ASP A 61 -7.31 20.20 -14.41
CA ASP A 61 -7.70 19.85 -15.78
C ASP A 61 -6.61 19.01 -16.43
N GLN A 62 -5.33 19.40 -16.28
CA GLN A 62 -4.23 18.65 -16.89
C GLN A 62 -4.06 17.29 -16.24
N GLU A 63 -4.20 17.20 -14.90
CA GLU A 63 -4.06 15.88 -14.24
C GLU A 63 -5.15 14.95 -14.70
N THR A 64 -6.39 15.47 -14.86
CA THR A 64 -7.52 14.67 -15.30
C THR A 64 -7.27 14.17 -16.71
N ARG A 65 -6.76 15.03 -17.61
N ARG A 65 -6.76 15.04 -17.62
CA ARG A 65 -6.45 14.61 -18.97
CA ARG A 65 -6.47 14.60 -18.99
C ARG A 65 -5.40 13.51 -18.98
C ARG A 65 -5.37 13.53 -19.01
N ASN A 66 -4.36 13.65 -18.14
CA ASN A 66 -3.28 12.65 -18.10
C ASN A 66 -3.81 11.27 -17.72
N VAL A 67 -4.59 11.18 -16.63
CA VAL A 67 -5.08 9.92 -16.13
CA VAL A 67 -5.05 9.86 -16.18
C VAL A 67 -6.16 9.34 -17.07
N LYS A 68 -6.97 10.19 -17.72
CA LYS A 68 -7.97 9.71 -18.66
C LYS A 68 -7.24 9.09 -19.88
N ALA A 69 -6.19 9.75 -20.36
CA ALA A 69 -5.44 9.24 -21.52
C ALA A 69 -4.78 7.89 -21.17
N GLN A 70 -4.23 7.80 -19.94
CA GLN A 70 -3.59 6.55 -19.53
C GLN A 70 -4.65 5.43 -19.45
N SER A 71 -5.87 5.73 -18.96
CA SER A 71 -6.91 4.70 -18.90
C SER A 71 -7.32 4.19 -20.28
N GLN A 72 -7.38 5.10 -21.27
CA GLN A 72 -7.71 4.69 -22.65
C GLN A 72 -6.61 3.80 -23.22
N THR A 73 -5.34 4.17 -22.99
CA THR A 73 -4.20 3.39 -23.46
C THR A 73 -4.24 1.98 -22.83
N ASP A 74 -4.52 1.92 -21.51
CA ASP A 74 -4.58 0.64 -20.80
C ASP A 74 -5.69 -0.24 -21.33
N ARG A 75 -6.86 0.33 -21.65
CA ARG A 75 -7.98 -0.46 -22.13
C ARG A 75 -7.63 -1.13 -23.48
N VAL A 76 -6.97 -0.39 -24.37
CA VAL A 76 -6.51 -0.98 -25.64
C VAL A 76 -5.44 -2.04 -25.33
N ASP A 77 -4.49 -1.72 -24.44
CA ASP A 77 -3.39 -2.65 -24.08
C ASP A 77 -3.91 -3.96 -23.51
N LEU A 78 -5.05 -3.94 -22.76
CA LEU A 78 -5.61 -5.18 -22.23
C LEU A 78 -5.98 -6.12 -23.39
N GLY A 79 -6.60 -5.58 -24.42
CA GLY A 79 -6.94 -6.39 -25.59
C GLY A 79 -5.72 -6.81 -26.38
N THR A 80 -4.72 -5.94 -26.51
CA THR A 80 -3.50 -6.28 -27.25
C THR A 80 -2.74 -7.43 -26.54
N LEU A 81 -2.60 -7.34 -25.21
CA LEU A 81 -1.88 -8.37 -24.46
C LEU A 81 -2.63 -9.69 -24.47
N ARG A 82 -3.96 -9.66 -24.43
CA ARG A 82 -4.77 -10.90 -24.56
C ARG A 82 -4.40 -11.61 -25.88
N GLY A 83 -4.20 -10.83 -26.95
CA GLY A 83 -3.79 -11.39 -28.22
C GLY A 83 -2.37 -11.95 -28.19
N TYR A 84 -1.41 -11.20 -27.60
CA TYR A 84 0.00 -11.69 -27.53
C TYR A 84 0.07 -13.03 -26.78
N TYR A 85 -0.80 -13.22 -25.77
CA TYR A 85 -0.80 -14.45 -24.96
C TYR A 85 -1.80 -15.51 -25.44
N ASN A 86 -2.54 -15.24 -26.54
CA ASN A 86 -3.55 -16.15 -27.08
C ASN A 86 -4.57 -16.54 -26.00
N GLN A 87 -4.98 -15.54 -25.20
CA GLN A 87 -5.98 -15.77 -24.17
C GLN A 87 -7.36 -15.52 -24.73
N SER A 88 -8.37 -16.16 -24.10
CA SER A 88 -9.75 -15.96 -24.56
C SER A 88 -10.37 -14.66 -24.09
N GLU A 89 -11.50 -14.25 -24.70
CA GLU A 89 -12.23 -13.05 -24.26
C GLU A 89 -13.05 -13.29 -22.98
N ASP A 90 -13.05 -14.53 -22.41
CA ASP A 90 -13.83 -14.94 -21.25
C ASP A 90 -13.33 -14.44 -19.90
N GLY A 91 -12.02 -14.28 -19.76
CA GLY A 91 -11.44 -13.92 -18.48
C GLY A 91 -11.14 -12.45 -18.22
N SER A 92 -11.06 -12.11 -16.94
CA SER A 92 -10.73 -10.75 -16.51
C SER A 92 -9.20 -10.73 -16.32
N HIS A 93 -8.57 -9.67 -16.79
CA HIS A 93 -7.12 -9.52 -16.70
C HIS A 93 -6.79 -8.14 -16.15
N THR A 94 -5.56 -7.98 -15.70
CA THR A 94 -5.18 -6.74 -15.03
C THR A 94 -3.87 -6.19 -15.52
N ILE A 95 -3.83 -4.88 -15.75
CA ILE A 95 -2.56 -4.20 -16.01
C ILE A 95 -2.29 -3.29 -14.79
N GLN A 96 -1.04 -3.34 -14.27
CA GLN A 96 -0.64 -2.43 -13.19
C GLN A 96 0.58 -1.65 -13.65
N ILE A 97 0.64 -0.35 -13.28
CA ILE A 97 1.77 0.51 -13.63
C ILE A 97 2.20 1.27 -12.36
N MET A 98 3.53 1.34 -12.14
CA MET A 98 4.03 2.14 -11.06
C MET A 98 5.14 2.98 -11.65
N TYR A 99 5.16 4.27 -11.31
CA TYR A 99 6.29 5.11 -11.67
C TYR A 99 6.51 6.18 -10.63
N GLY A 100 7.71 6.75 -10.65
CA GLY A 100 8.01 7.80 -9.69
C GLY A 100 9.47 8.14 -9.58
N CYS A 101 9.75 9.08 -8.71
CA CYS A 101 11.08 9.60 -8.53
C CYS A 101 11.42 9.74 -7.06
N ASP A 102 12.72 9.66 -6.74
CA ASP A 102 13.21 9.81 -5.38
C ASP A 102 14.15 11.01 -5.38
N VAL A 103 14.12 11.82 -4.31
CA VAL A 103 15.05 12.92 -4.12
C VAL A 103 15.75 12.76 -2.76
N GLY A 104 16.94 13.33 -2.63
CA GLY A 104 17.65 13.30 -1.37
C GLY A 104 17.17 14.39 -0.44
N PRO A 105 17.85 14.57 0.72
CA PRO A 105 17.44 15.65 1.64
C PRO A 105 17.67 17.07 1.11
N ASP A 106 18.54 17.20 0.11
CA ASP A 106 18.81 18.47 -0.57
C ASP A 106 17.88 18.71 -1.79
N GLY A 107 16.87 17.85 -1.97
CA GLY A 107 15.89 17.99 -3.05
C GLY A 107 16.32 17.55 -4.42
N ARG A 108 17.57 17.07 -4.59
CA ARG A 108 18.03 16.65 -5.91
C ARG A 108 17.64 15.23 -6.29
N PHE A 109 17.45 15.01 -7.59
CA PHE A 109 17.11 13.71 -8.15
C PHE A 109 18.11 12.61 -7.73
N LEU A 110 17.58 11.47 -7.25
CA LEU A 110 18.39 10.33 -6.89
C LEU A 110 18.15 9.21 -7.90
N ARG A 111 16.87 8.84 -8.12
CA ARG A 111 16.50 7.76 -9.01
C ARG A 111 15.08 7.96 -9.56
N GLY A 112 14.84 7.37 -10.71
CA GLY A 112 13.55 7.33 -11.38
C GLY A 112 13.19 5.89 -11.65
N TYR A 113 11.90 5.61 -11.81
N TYR A 113 11.87 5.61 -11.72
CA TYR A 113 11.46 4.23 -12.04
CA TYR A 113 11.33 4.27 -11.93
C TYR A 113 10.11 4.17 -12.71
C TYR A 113 10.12 4.27 -12.84
N ARG A 114 9.90 3.16 -13.55
CA ARG A 114 8.68 2.94 -14.30
C ARG A 114 8.65 1.44 -14.50
N GLN A 115 7.61 0.77 -13.99
CA GLN A 115 7.48 -0.69 -14.17
C GLN A 115 6.04 -1.03 -14.42
N ASP A 116 5.82 -2.08 -15.21
CA ASP A 116 4.48 -2.49 -15.57
C ASP A 116 4.33 -3.98 -15.34
N ALA A 117 3.12 -4.39 -15.01
CA ALA A 117 2.78 -5.80 -14.79
C ALA A 117 1.54 -6.19 -15.58
N TYR A 118 1.40 -7.50 -15.87
CA TYR A 118 0.21 -8.05 -16.49
C TYR A 118 -0.18 -9.30 -15.68
N ASP A 119 -1.43 -9.31 -15.18
CA ASP A 119 -1.94 -10.37 -14.32
C ASP A 119 -1.04 -10.66 -13.11
N GLY A 120 -0.50 -9.61 -12.52
CA GLY A 120 0.31 -9.75 -11.31
C GLY A 120 1.74 -10.18 -11.49
N LYS A 121 2.18 -10.29 -12.76
CA LYS A 121 3.53 -10.72 -13.08
C LYS A 121 4.23 -9.60 -13.81
N ASP A 122 5.54 -9.44 -13.61
CA ASP A 122 6.35 -8.46 -14.32
C ASP A 122 6.17 -8.55 -15.83
N TYR A 123 6.01 -7.40 -16.50
CA TYR A 123 5.82 -7.37 -17.95
C TYR A 123 7.00 -6.62 -18.59
N ILE A 124 7.17 -5.34 -18.26
CA ILE A 124 8.27 -4.55 -18.79
C ILE A 124 8.70 -3.55 -17.75
N ALA A 125 9.99 -3.21 -17.72
CA ALA A 125 10.50 -2.25 -16.75
C ALA A 125 11.53 -1.36 -17.37
N LEU A 126 11.53 -0.09 -16.97
CA LEU A 126 12.58 0.83 -17.38
C LEU A 126 13.81 0.47 -16.53
N ASN A 127 14.97 0.33 -17.17
CA ASN A 127 16.21 0.04 -16.45
C ASN A 127 16.68 1.26 -15.62
N GLU A 128 17.62 1.04 -14.68
CA GLU A 128 18.10 2.08 -13.76
C GLU A 128 18.57 3.34 -14.46
N ASP A 129 19.26 3.21 -15.59
CA ASP A 129 19.75 4.37 -16.33
C ASP A 129 18.66 5.18 -17.03
N LEU A 130 17.41 4.68 -17.05
CA LEU A 130 16.29 5.38 -17.72
C LEU A 130 16.47 5.51 -19.24
N ARG A 131 17.33 4.68 -19.84
CA ARG A 131 17.61 4.71 -21.28
C ARG A 131 17.26 3.45 -22.04
N SER A 132 16.79 2.42 -21.35
CA SER A 132 16.48 1.15 -21.99
C SER A 132 15.45 0.40 -21.16
N TRP A 133 14.85 -0.64 -21.77
CA TRP A 133 13.81 -1.44 -21.12
C TRP A 133 14.27 -2.87 -20.97
N THR A 134 13.70 -3.57 -19.96
CA THR A 134 13.89 -5.01 -19.83
C THR A 134 12.51 -5.64 -19.97
N ALA A 135 12.35 -6.55 -20.94
CA ALA A 135 11.09 -7.27 -21.21
C ALA A 135 11.12 -8.56 -20.43
N ALA A 136 10.05 -8.86 -19.67
CA ALA A 136 10.05 -10.06 -18.83
C ALA A 136 9.81 -11.36 -19.56
N ASP A 137 9.22 -11.29 -20.76
CA ASP A 137 8.90 -12.48 -21.57
C ASP A 137 8.83 -12.13 -23.06
N MET A 138 8.50 -13.09 -23.96
N MET A 138 8.50 -13.10 -23.94
CA MET A 138 8.44 -12.79 -25.39
CA MET A 138 8.42 -12.87 -25.39
C MET A 138 7.37 -11.83 -25.80
C MET A 138 7.37 -11.85 -25.77
N ALA A 139 6.20 -11.88 -25.13
CA ALA A 139 5.13 -10.92 -25.44
C ALA A 139 5.62 -9.48 -25.17
N ALA A 140 6.34 -9.30 -24.03
CA ALA A 140 6.87 -7.99 -23.69
C ALA A 140 7.96 -7.53 -24.65
N GLN A 141 8.64 -8.47 -25.38
CA GLN A 141 9.61 -8.06 -26.38
C GLN A 141 8.94 -7.32 -27.54
N ILE A 142 7.65 -7.62 -27.82
CA ILE A 142 6.92 -6.88 -28.87
C ILE A 142 6.72 -5.44 -28.39
N THR A 143 6.24 -5.31 -27.14
CA THR A 143 6.08 -3.97 -26.54
C THR A 143 7.40 -3.22 -26.48
N LYS A 144 8.50 -3.87 -26.10
CA LYS A 144 9.81 -3.22 -26.01
C LYS A 144 10.23 -2.60 -27.34
N ARG A 145 10.05 -3.34 -28.44
CA ARG A 145 10.36 -2.81 -29.77
C ARG A 145 9.46 -1.64 -30.12
N LYS A 146 8.14 -1.72 -29.78
CA LYS A 146 7.28 -0.55 -30.04
C LYS A 146 7.75 0.67 -29.25
N TRP A 147 8.09 0.46 -27.99
CA TRP A 147 8.49 1.56 -27.13
C TRP A 147 9.84 2.15 -27.50
N GLU A 148 10.73 1.33 -28.09
CA GLU A 148 11.98 1.85 -28.61
C GLU A 148 11.67 2.72 -29.83
N ALA A 149 10.77 2.28 -30.71
CA ALA A 149 10.41 3.04 -31.92
C ALA A 149 9.71 4.35 -31.55
N ALA A 150 8.94 4.36 -30.45
CA ALA A 150 8.22 5.54 -29.97
C ALA A 150 9.10 6.49 -29.12
N HIS A 151 10.37 6.11 -28.84
CA HIS A 151 11.28 6.85 -27.97
C HIS A 151 10.64 7.06 -26.59
N ALA A 152 9.99 5.99 -26.09
CA ALA A 152 9.30 6.08 -24.80
C ALA A 152 10.27 6.28 -23.64
N ALA A 153 11.48 5.68 -23.69
CA ALA A 153 12.44 5.89 -22.60
C ALA A 153 12.85 7.35 -22.51
N GLU A 154 13.06 8.02 -23.66
CA GLU A 154 13.40 9.45 -23.64
C GLU A 154 12.30 10.28 -22.97
N GLN A 155 11.04 9.94 -23.26
CA GLN A 155 9.90 10.62 -22.64
C GLN A 155 9.88 10.37 -21.13
N GLN A 156 10.07 9.11 -20.71
CA GLN A 156 10.05 8.76 -19.29
C GLN A 156 11.16 9.48 -18.55
N ARG A 157 12.37 9.45 -19.11
CA ARG A 157 13.53 10.07 -18.47
C ARG A 157 13.31 11.59 -18.34
N ALA A 158 12.75 12.23 -19.38
CA ALA A 158 12.51 13.67 -19.33
C ALA A 158 11.54 14.02 -18.19
N TYR A 159 10.47 13.21 -18.04
CA TYR A 159 9.53 13.40 -16.96
C TYR A 159 10.15 13.11 -15.59
N LEU A 160 10.82 11.97 -15.45
CA LEU A 160 11.36 11.55 -14.16
C LEU A 160 12.46 12.45 -13.61
N GLU A 161 13.32 12.97 -14.49
CA GLU A 161 14.38 13.88 -14.05
C GLU A 161 13.95 15.35 -14.04
N GLY A 162 12.77 15.65 -14.59
CA GLY A 162 12.27 17.01 -14.71
C GLY A 162 11.04 17.24 -13.87
N ARG A 163 9.86 17.23 -14.51
CA ARG A 163 8.59 17.49 -13.84
C ARG A 163 8.40 16.70 -12.54
N CYS A 164 8.78 15.41 -12.55
CA CYS A 164 8.59 14.59 -11.34
C CYS A 164 9.29 15.21 -10.11
N VAL A 165 10.58 15.53 -10.25
CA VAL A 165 11.32 16.05 -9.10
C VAL A 165 10.94 17.49 -8.80
N GLU A 166 10.61 18.30 -9.84
CA GLU A 166 10.21 19.69 -9.59
C GLU A 166 8.90 19.77 -8.80
N TRP A 167 7.93 18.94 -9.21
CA TRP A 167 6.64 18.95 -8.56
C TRP A 167 6.74 18.31 -7.18
N LEU A 168 7.57 17.25 -7.01
CA LEU A 168 7.79 16.68 -5.68
C LEU A 168 8.38 17.78 -4.74
N ARG A 169 9.37 18.56 -5.23
CA ARG A 169 9.90 19.66 -4.40
C ARG A 169 8.82 20.67 -4.01
N ARG A 170 7.93 21.05 -4.96
CA ARG A 170 6.84 21.99 -4.68
C ARG A 170 5.89 21.41 -3.63
N TYR A 171 5.52 20.12 -3.75
CA TYR A 171 4.62 19.50 -2.77
C TYR A 171 5.26 19.42 -1.40
N LEU A 172 6.56 19.08 -1.32
CA LEU A 172 7.25 19.02 -0.02
C LEU A 172 7.25 20.37 0.67
N GLU A 173 7.38 21.46 -0.10
CA GLU A 173 7.36 22.80 0.48
C GLU A 173 5.94 23.19 0.89
N ASN A 174 4.95 23.01 0.00
CA ASN A 174 3.56 23.35 0.30
C ASN A 174 2.96 22.55 1.46
N GLY A 175 3.37 21.29 1.58
CA GLY A 175 2.88 20.44 2.65
C GLY A 175 3.89 20.17 3.73
N LYS A 176 4.89 21.05 3.89
CA LYS A 176 5.99 20.80 4.84
C LYS A 176 5.54 20.52 6.29
N GLU A 177 4.47 21.19 6.77
CA GLU A 177 3.96 21.02 8.14
C GLU A 177 3.57 19.60 8.48
N THR A 178 3.27 18.76 7.46
CA THR A 178 2.92 17.37 7.64
C THR A 178 3.91 16.44 6.93
N LEU A 179 4.22 16.69 5.65
CA LEU A 179 5.13 15.85 4.89
C LEU A 179 6.54 15.76 5.43
N GLN A 180 7.07 16.88 5.99
CA GLN A 180 8.44 16.88 6.49
C GLN A 180 8.56 16.66 8.00
N ARG A 181 7.47 16.26 8.65
CA ARG A 181 7.52 16.01 10.08
C ARG A 181 7.51 14.54 10.34
N THR A 182 8.40 14.08 11.21
CA THR A 182 8.42 12.67 11.57
C THR A 182 7.65 12.53 12.88
N ASP A 183 6.90 11.44 13.01
CA ASP A 183 6.19 11.16 14.24
C ASP A 183 6.83 9.89 14.75
N PRO A 184 7.58 9.95 15.86
CA PRO A 184 8.22 8.72 16.37
C PRO A 184 7.16 7.75 16.91
N PRO A 185 7.51 6.46 16.95
CA PRO A 185 6.56 5.50 17.54
C PRO A 185 6.38 5.72 19.04
N LYS A 186 5.15 5.51 19.49
CA LYS A 186 4.81 5.47 20.90
C LYS A 186 4.80 3.98 21.19
N THR A 187 5.73 3.52 22.04
CA THR A 187 5.84 2.10 22.32
C THR A 187 5.28 1.67 23.65
N HIS A 188 4.84 0.41 23.71
CA HIS A 188 4.41 -0.23 24.95
C HIS A 188 4.58 -1.73 24.83
N MET A 189 4.36 -2.47 25.92
CA MET A 189 4.53 -3.93 25.86
C MET A 189 3.43 -4.58 26.64
N THR A 190 2.96 -5.73 26.14
CA THR A 190 1.97 -6.54 26.84
C THR A 190 2.53 -7.91 27.11
N HIS A 191 1.94 -8.61 28.08
CA HIS A 191 2.38 -9.94 28.51
C HIS A 191 1.14 -10.82 28.73
N HIS A 192 1.14 -12.00 28.10
CA HIS A 192 -0.01 -12.88 28.19
C HIS A 192 0.46 -14.29 28.44
N PRO A 193 0.21 -14.82 29.63
CA PRO A 193 0.55 -16.23 29.89
C PRO A 193 -0.18 -17.15 28.90
N ILE A 194 0.50 -18.19 28.43
CA ILE A 194 -0.08 -19.17 27.51
C ILE A 194 -0.36 -20.48 28.28
N SER A 195 0.47 -20.79 29.24
CA SER A 195 0.38 -21.99 30.05
C SER A 195 1.11 -21.70 31.35
N ASP A 196 1.21 -22.71 32.24
CA ASP A 196 1.95 -22.53 33.48
C ASP A 196 3.48 -22.49 33.23
N HIS A 197 3.96 -22.50 31.95
CA HIS A 197 5.39 -22.44 31.72
CA HIS A 197 5.39 -22.50 31.67
C HIS A 197 5.82 -21.44 30.66
N GLU A 198 4.89 -20.90 29.84
CA GLU A 198 5.29 -19.93 28.80
C GLU A 198 4.37 -18.73 28.74
N ALA A 199 4.88 -17.61 28.16
CA ALA A 199 4.08 -16.41 27.99
C ALA A 199 4.46 -15.69 26.73
N THR A 200 3.53 -14.91 26.16
CA THR A 200 3.84 -14.08 25.02
C THR A 200 4.17 -12.68 25.49
N LEU A 201 5.30 -12.12 25.03
CA LEU A 201 5.59 -10.70 25.21
C LEU A 201 5.31 -10.05 23.85
N ARG A 202 4.49 -8.98 23.83
CA ARG A 202 4.21 -8.30 22.57
C ARG A 202 4.66 -6.87 22.66
N CYS A 203 5.55 -6.46 21.75
CA CYS A 203 6.12 -5.12 21.71
C CYS A 203 5.36 -4.34 20.65
N TRP A 204 4.78 -3.21 21.05
CA TRP A 204 3.97 -2.38 20.17
C TRP A 204 4.66 -1.09 19.76
N ALA A 205 4.39 -0.66 18.53
CA ALA A 205 4.84 0.66 18.06
C ALA A 205 3.60 1.28 17.39
N LEU A 206 3.16 2.43 17.93
CA LEU A 206 1.96 3.06 17.40
C LEU A 206 2.16 4.51 17.05
N GLY A 207 1.36 5.00 16.12
CA GLY A 207 1.35 6.42 15.79
C GLY A 207 2.54 7.02 15.09
N PHE A 208 3.27 6.18 14.37
CA PHE A 208 4.49 6.64 13.72
C PHE A 208 4.28 7.02 12.27
N TYR A 209 5.17 7.88 11.79
CA TYR A 209 5.19 8.30 10.40
C TYR A 209 6.61 8.76 10.13
N PRO A 210 7.23 8.37 9.00
CA PRO A 210 6.71 7.48 7.95
C PRO A 210 6.60 6.01 8.37
N ALA A 211 6.11 5.17 7.49
CA ALA A 211 5.82 3.77 7.79
C ALA A 211 7.03 2.89 8.06
N GLU A 212 8.21 3.23 7.48
CA GLU A 212 9.41 2.42 7.67
C GLU A 212 9.78 2.34 9.15
N ILE A 213 9.92 1.13 9.69
CA ILE A 213 10.29 0.92 11.09
C ILE A 213 10.93 -0.47 11.17
N THR A 214 11.74 -0.70 12.21
CA THR A 214 12.28 -2.03 12.46
C THR A 214 12.02 -2.38 13.92
N LEU A 215 11.34 -3.52 14.18
CA LEU A 215 11.17 -4.04 15.56
C LEU A 215 11.91 -5.37 15.57
N THR A 216 12.79 -5.56 16.54
CA THR A 216 13.60 -6.78 16.63
CA THR A 216 13.55 -6.81 16.64
C THR A 216 13.60 -7.26 18.09
N TRP A 217 13.40 -8.54 18.32
CA TRP A 217 13.50 -9.07 19.69
C TRP A 217 14.92 -9.62 19.84
N GLN A 218 15.48 -9.44 21.00
CA GLN A 218 16.79 -9.95 21.36
C GLN A 218 16.61 -10.75 22.65
N ARG A 219 17.46 -11.79 22.83
CA ARG A 219 17.47 -12.57 24.05
C ARG A 219 18.95 -12.55 24.50
N ASP A 220 19.20 -12.06 25.71
CA ASP A 220 20.59 -11.88 26.20
C ASP A 220 21.40 -10.96 25.25
N GLY A 221 20.72 -10.00 24.63
CA GLY A 221 21.40 -9.07 23.72
C GLY A 221 21.74 -9.64 22.35
N GLU A 222 21.17 -10.80 21.99
CA GLU A 222 21.41 -11.45 20.70
C GLU A 222 20.12 -11.46 19.92
N ASP A 223 20.11 -11.04 18.64
CA ASP A 223 18.89 -11.06 17.83
C ASP A 223 18.31 -12.48 17.78
N GLN A 224 16.98 -12.55 17.90
CA GLN A 224 16.28 -13.83 17.86
C GLN A 224 15.13 -13.81 16.88
N THR A 225 15.01 -14.89 16.08
CA THR A 225 13.85 -15.01 15.20
C THR A 225 13.00 -16.21 15.61
N GLN A 226 13.58 -17.27 16.22
CA GLN A 226 12.75 -18.40 16.65
C GLN A 226 11.72 -17.94 17.67
N ASP A 227 10.53 -18.53 17.59
CA ASP A 227 9.39 -18.23 18.47
C ASP A 227 8.96 -16.78 18.46
N THR A 228 9.19 -16.09 17.34
CA THR A 228 8.70 -14.70 17.16
C THR A 228 7.63 -14.59 16.09
N GLU A 229 6.81 -13.53 16.17
CA GLU A 229 5.79 -13.25 15.16
C GLU A 229 5.82 -11.75 14.92
N LEU A 230 5.96 -11.34 13.66
CA LEU A 230 6.01 -9.91 13.32
C LEU A 230 4.91 -9.67 12.31
N VAL A 231 3.95 -8.77 12.62
CA VAL A 231 2.88 -8.49 11.68
C VAL A 231 3.35 -7.43 10.71
N GLU A 232 2.73 -7.39 9.51
CA GLU A 232 3.05 -6.34 8.55
C GLU A 232 2.68 -4.98 9.11
N THR A 233 3.48 -3.95 8.78
CA THR A 233 3.17 -2.57 9.18
C THR A 233 1.82 -2.18 8.57
N ARG A 234 0.93 -1.63 9.40
CA ARG A 234 -0.43 -1.38 8.96
C ARG A 234 -0.87 0.04 9.20
N PRO A 235 -1.79 0.54 8.37
CA PRO A 235 -2.23 1.93 8.58
C PRO A 235 -3.22 2.04 9.72
N ALA A 236 -3.07 3.07 10.55
CA ALA A 236 -4.07 3.31 11.61
C ALA A 236 -5.38 3.91 11.05
N GLY A 237 -5.27 4.60 9.90
CA GLY A 237 -6.41 5.25 9.27
C GLY A 237 -6.45 6.75 9.50
N ASP A 238 -5.50 7.30 10.29
CA ASP A 238 -5.40 8.72 10.58
C ASP A 238 -4.10 9.35 10.05
N GLY A 239 -3.39 8.64 9.17
CA GLY A 239 -2.13 9.08 8.62
C GLY A 239 -0.92 8.50 9.30
N THR A 240 -1.10 7.79 10.41
CA THR A 240 0.02 7.17 11.12
C THR A 240 -0.05 5.64 10.90
N PHE A 241 0.99 4.94 11.33
CA PHE A 241 1.14 3.50 11.14
C PHE A 241 1.34 2.78 12.47
N GLN A 242 1.10 1.46 12.44
CA GLN A 242 1.23 0.60 13.63
C GLN A 242 2.00 -0.67 13.24
N LYS A 243 2.64 -1.27 14.24
CA LYS A 243 3.28 -2.58 14.06
C LYS A 243 3.48 -3.19 15.43
N TRP A 244 3.46 -4.51 15.48
CA TRP A 244 3.87 -5.19 16.70
C TRP A 244 4.75 -6.38 16.38
N ALA A 245 5.52 -6.82 17.37
CA ALA A 245 6.38 -8.01 17.28
C ALA A 245 6.20 -8.76 18.58
N ALA A 246 5.98 -10.09 18.51
CA ALA A 246 5.76 -10.89 19.71
C ALA A 246 6.81 -11.99 19.82
N VAL A 247 7.10 -12.41 21.03
CA VAL A 247 8.01 -13.53 21.26
C VAL A 247 7.40 -14.41 22.35
N VAL A 248 7.53 -15.72 22.19
CA VAL A 248 7.07 -16.64 23.25
C VAL A 248 8.28 -16.95 24.12
N VAL A 249 8.13 -16.74 25.43
CA VAL A 249 9.24 -16.89 26.35
C VAL A 249 8.90 -17.84 27.50
N PRO A 250 9.89 -18.45 28.14
CA PRO A 250 9.60 -19.25 29.35
C PRO A 250 9.22 -18.29 30.47
N SER A 251 8.11 -18.56 31.18
CA SER A 251 7.68 -17.77 32.34
C SER A 251 8.81 -17.82 33.39
N GLY A 252 9.19 -16.66 33.92
CA GLY A 252 10.32 -16.58 34.86
C GLY A 252 11.59 -16.06 34.20
N GLU A 253 11.63 -16.09 32.85
CA GLU A 253 12.84 -15.62 32.12
C GLU A 253 12.56 -14.40 31.22
N GLU A 254 11.42 -13.70 31.45
CA GLU A 254 11.09 -12.51 30.65
C GLU A 254 12.21 -11.48 30.60
N GLN A 255 12.97 -11.30 31.69
CA GLN A 255 14.02 -10.27 31.70
C GLN A 255 15.17 -10.54 30.75
N ARG A 256 15.29 -11.76 30.19
CA ARG A 256 16.35 -12.00 29.22
C ARG A 256 16.02 -11.30 27.88
N TYR A 257 14.74 -10.90 27.67
CA TYR A 257 14.30 -10.44 26.36
C TYR A 257 14.17 -8.93 26.28
N THR A 258 14.58 -8.37 25.14
CA THR A 258 14.44 -6.94 24.92
C THR A 258 13.91 -6.69 23.51
N CYS A 259 13.04 -5.68 23.39
CA CYS A 259 12.52 -5.32 22.07
C CYS A 259 13.22 -4.04 21.62
N HIS A 260 13.77 -4.06 20.42
CA HIS A 260 14.53 -2.94 19.89
C HIS A 260 13.76 -2.29 18.79
N VAL A 261 13.60 -0.96 18.88
CA VAL A 261 12.78 -0.21 17.93
C VAL A 261 13.62 0.83 17.22
N GLN A 262 13.64 0.78 15.88
CA GLN A 262 14.39 1.75 15.07
C GLN A 262 13.40 2.49 14.18
N HIS A 263 13.50 3.81 14.17
CA HIS A 263 12.63 4.64 13.33
C HIS A 263 13.32 5.98 13.11
N GLU A 264 13.02 6.62 11.96
CA GLU A 264 13.59 7.92 11.57
C GLU A 264 13.35 9.01 12.59
N GLY A 265 12.23 8.93 13.29
CA GLY A 265 11.84 9.89 14.31
C GLY A 265 12.58 9.75 15.62
N LEU A 266 13.38 8.67 15.78
CA LEU A 266 14.16 8.42 16.98
C LEU A 266 15.66 8.64 16.65
N PRO A 267 16.33 9.57 17.35
CA PRO A 267 17.78 9.78 17.12
C PRO A 267 18.63 8.61 17.63
N LYS A 268 18.11 7.83 18.60
CA LYS A 268 18.72 6.59 19.07
C LYS A 268 17.61 5.52 19.17
N PRO A 269 17.91 4.26 18.80
CA PRO A 269 16.87 3.23 18.91
C PRO A 269 16.41 3.00 20.34
N LEU A 270 15.17 2.53 20.51
CA LEU A 270 14.63 2.24 21.84
C LEU A 270 14.85 0.79 22.22
N THR A 271 15.00 0.51 23.51
CA THR A 271 15.16 -0.85 24.00
C THR A 271 14.17 -1.02 25.12
N LEU A 272 13.15 -1.87 24.94
CA LEU A 272 12.11 -2.10 25.94
C LEU A 272 12.30 -3.46 26.60
N ARG A 273 11.95 -3.54 27.88
CA ARG A 273 12.01 -4.77 28.69
C ARG A 273 10.68 -4.89 29.44
N TRP A 274 10.34 -6.11 29.82
CA TRP A 274 9.06 -6.34 30.50
C TRP A 274 8.98 -5.67 31.85
N GLU A 275 9.92 -5.96 32.75
CA GLU A 275 9.96 -5.27 34.04
C GLU A 275 11.18 -4.35 34.08
N LEU A 276 11.10 -3.33 34.93
CA LEU A 276 12.22 -2.38 35.08
C LEU A 276 13.46 -3.02 35.64
N MET B 1 -3.32 -15.44 -14.10
CA MET B 1 -3.28 -16.88 -13.88
C MET B 1 -2.83 -17.17 -12.45
N ILE B 2 -1.83 -16.43 -11.97
CA ILE B 2 -1.36 -16.60 -10.60
C ILE B 2 -2.28 -15.79 -9.68
N GLN B 3 -2.80 -16.47 -8.67
CA GLN B 3 -3.71 -15.86 -7.72
C GLN B 3 -3.06 -15.92 -6.33
N ARG B 4 -3.15 -14.83 -5.57
CA ARG B 4 -2.54 -14.77 -4.24
C ARG B 4 -3.63 -14.52 -3.20
N THR B 5 -3.58 -15.28 -2.10
CA THR B 5 -4.61 -15.24 -1.06
C THR B 5 -4.40 -14.03 -0.15
N PRO B 6 -5.48 -13.33 0.23
CA PRO B 6 -5.30 -12.18 1.12
C PRO B 6 -4.83 -12.50 2.53
N LYS B 7 -3.95 -11.64 3.06
CA LYS B 7 -3.58 -11.63 4.46
C LYS B 7 -4.60 -10.66 5.08
N ILE B 8 -4.98 -10.89 6.33
CA ILE B 8 -6.00 -10.09 7.00
C ILE B 8 -5.55 -9.70 8.37
N GLN B 9 -5.69 -8.42 8.73
CA GLN B 9 -5.48 -7.96 10.08
C GLN B 9 -6.70 -7.13 10.46
N VAL B 10 -7.29 -7.41 11.64
CA VAL B 10 -8.45 -6.65 12.12
C VAL B 10 -8.02 -6.03 13.45
N TYR B 11 -8.22 -4.72 13.58
CA TYR B 11 -7.64 -3.99 14.70
C TYR B 11 -8.26 -2.63 14.84
N SER B 12 -8.02 -1.97 15.98
CA SER B 12 -8.61 -0.65 16.20
C SER B 12 -7.60 0.47 15.89
N ARG B 13 -8.10 1.66 15.53
CA ARG B 13 -7.20 2.80 15.24
C ARG B 13 -6.40 3.21 16.50
N HIS B 14 -7.07 3.26 17.63
CA HIS B 14 -6.46 3.61 18.91
C HIS B 14 -6.55 2.41 19.86
N PRO B 15 -5.69 2.27 20.91
CA PRO B 15 -5.87 1.15 21.85
C PRO B 15 -7.28 1.20 22.45
N ALA B 16 -7.96 0.07 22.39
CA ALA B 16 -9.34 -0.01 22.83
C ALA B 16 -9.51 0.13 24.31
N GLU B 17 -10.60 0.80 24.66
CA GLU B 17 -11.01 0.99 26.05
C GLU B 17 -12.53 0.83 25.99
N ASN B 18 -13.11 -0.11 26.76
CA ASN B 18 -14.57 -0.31 26.70
C ASN B 18 -15.37 0.99 26.94
N GLY B 19 -16.35 1.25 26.08
CA GLY B 19 -17.17 2.45 26.15
C GLY B 19 -16.59 3.68 25.48
N LYS B 20 -15.35 3.58 24.96
CA LYS B 20 -14.71 4.72 24.30
C LYS B 20 -14.78 4.58 22.77
N SER B 21 -15.33 5.59 22.08
CA SER B 21 -15.46 5.65 20.63
C SER B 21 -14.10 5.48 19.96
N ASN B 22 -14.09 4.75 18.85
CA ASN B 22 -12.84 4.38 18.17
C ASN B 22 -13.17 4.05 16.68
N PHE B 23 -12.19 3.49 15.95
CA PHE B 23 -12.42 3.04 14.57
C PHE B 23 -11.95 1.61 14.46
N LEU B 24 -12.77 0.76 13.83
CA LEU B 24 -12.48 -0.65 13.59
C LEU B 24 -11.95 -0.74 12.17
N ASN B 25 -10.80 -1.35 12.02
CA ASN B 25 -10.11 -1.48 10.75
C ASN B 25 -9.95 -2.93 10.34
N CYS B 26 -10.07 -3.18 9.04
CA CYS B 26 -9.71 -4.46 8.49
C CYS B 26 -8.79 -4.18 7.31
N TYR B 27 -7.50 -4.53 7.48
CA TYR B 27 -6.49 -4.31 6.45
C TYR B 27 -6.26 -5.63 5.73
N VAL B 28 -6.56 -5.63 4.44
CA VAL B 28 -6.39 -6.81 3.61
C VAL B 28 -5.28 -6.54 2.62
N SER B 29 -4.32 -7.45 2.56
CA SER B 29 -3.15 -7.22 1.71
C SER B 29 -2.62 -8.50 1.10
N GLY B 30 -1.68 -8.37 0.16
CA GLY B 30 -1.04 -9.52 -0.45
C GLY B 30 -1.91 -10.33 -1.37
N PHE B 31 -3.02 -9.77 -1.86
CA PHE B 31 -3.92 -10.54 -2.72
C PHE B 31 -3.81 -10.18 -4.22
N HIS B 32 -4.24 -11.11 -5.07
CA HIS B 32 -4.31 -10.90 -6.53
C HIS B 32 -5.27 -11.97 -7.06
N PRO B 33 -6.29 -11.64 -7.87
CA PRO B 33 -6.61 -10.32 -8.43
C PRO B 33 -7.22 -9.37 -7.40
N SER B 34 -7.54 -8.14 -7.82
CA SER B 34 -8.02 -7.11 -6.90
C SER B 34 -9.45 -7.24 -6.45
N ASP B 35 -10.26 -7.99 -7.17
CA ASP B 35 -11.67 -8.16 -6.81
C ASP B 35 -11.77 -8.87 -5.46
N ILE B 36 -12.37 -8.21 -4.47
CA ILE B 36 -12.45 -8.77 -3.13
C ILE B 36 -13.69 -8.25 -2.41
N GLU B 37 -14.24 -9.05 -1.50
CA GLU B 37 -15.40 -8.66 -0.72
C GLU B 37 -14.95 -8.61 0.73
N VAL B 38 -15.08 -7.45 1.37
CA VAL B 38 -14.69 -7.30 2.76
C VAL B 38 -15.86 -6.72 3.55
N ASP B 39 -16.22 -7.37 4.65
CA ASP B 39 -17.27 -6.87 5.51
C ASP B 39 -16.78 -6.82 6.95
N LEU B 40 -17.23 -5.80 7.69
CA LEU B 40 -16.95 -5.71 9.11
C LEU B 40 -18.21 -6.20 9.79
N LEU B 41 -18.04 -7.03 10.81
CA LEU B 41 -19.20 -7.59 11.51
C LEU B 41 -19.26 -7.15 12.97
N LYS B 42 -20.47 -6.98 13.50
CA LYS B 42 -20.71 -6.70 14.92
C LYS B 42 -21.68 -7.79 15.35
N ASN B 43 -21.24 -8.64 16.29
CA ASN B 43 -22.03 -9.78 16.76
C ASN B 43 -22.52 -10.67 15.60
N GLY B 44 -21.66 -10.85 14.60
CA GLY B 44 -21.96 -11.66 13.43
C GLY B 44 -22.79 -10.99 12.36
N GLU B 45 -23.21 -9.72 12.58
CA GLU B 45 -24.04 -8.99 11.61
C GLU B 45 -23.22 -7.98 10.83
N ARG B 46 -23.46 -7.87 9.53
CA ARG B 46 -22.74 -6.92 8.68
C ARG B 46 -23.00 -5.46 9.09
N ILE B 47 -21.94 -4.68 9.29
CA ILE B 47 -22.06 -3.27 9.61
C ILE B 47 -22.24 -2.50 8.29
N GLU B 48 -23.20 -1.59 8.26
CA GLU B 48 -23.47 -0.81 7.05
C GLU B 48 -22.58 0.43 6.99
N LYS B 49 -22.47 1.01 5.79
CA LYS B 49 -21.77 2.27 5.52
C LYS B 49 -20.27 2.24 5.79
N VAL B 50 -19.66 1.06 5.79
CA VAL B 50 -18.21 0.90 5.97
C VAL B 50 -17.52 1.54 4.76
N GLU B 51 -16.43 2.25 5.00
CA GLU B 51 -15.69 2.90 3.92
C GLU B 51 -14.39 2.15 3.64
N HIS B 52 -13.75 2.46 2.51
CA HIS B 52 -12.48 1.82 2.23
C HIS B 52 -11.54 2.74 1.48
N SER B 53 -10.26 2.45 1.60
CA SER B 53 -9.23 3.21 0.92
C SER B 53 -9.23 2.97 -0.60
N ASP B 54 -8.47 3.79 -1.34
CA ASP B 54 -8.34 3.62 -2.78
C ASP B 54 -7.32 2.51 -3.04
N LEU B 55 -7.69 1.59 -3.93
CA LEU B 55 -6.84 0.46 -4.30
C LEU B 55 -5.43 0.86 -4.68
N SER B 56 -4.47 0.20 -4.05
CA SER B 56 -3.06 0.36 -4.33
C SER B 56 -2.37 -1.01 -4.20
N PHE B 57 -1.08 -1.05 -4.52
CA PHE B 57 -0.37 -2.31 -4.50
C PHE B 57 1.06 -2.14 -4.06
N SER B 58 1.62 -3.28 -3.62
CA SER B 58 2.99 -3.38 -3.11
C SER B 58 4.00 -3.72 -4.22
N LYS B 59 5.30 -3.77 -3.87
CA LYS B 59 6.39 -4.06 -4.79
C LYS B 59 6.21 -5.35 -5.56
N ASP B 60 5.61 -6.37 -4.93
CA ASP B 60 5.37 -7.64 -5.63
C ASP B 60 4.09 -7.65 -6.49
N TRP B 61 3.44 -6.47 -6.64
CA TRP B 61 2.20 -6.30 -7.41
C TRP B 61 0.95 -6.75 -6.67
N SER B 62 1.09 -7.26 -5.43
CA SER B 62 -0.13 -7.67 -4.69
C SER B 62 -0.86 -6.43 -4.14
N PHE B 63 -2.18 -6.52 -4.07
CA PHE B 63 -3.00 -5.37 -3.67
C PHE B 63 -3.21 -5.25 -2.18
N TYR B 64 -3.60 -4.03 -1.75
CA TYR B 64 -3.96 -3.81 -0.37
C TYR B 64 -5.09 -2.79 -0.26
N LEU B 65 -5.93 -2.95 0.74
CA LEU B 65 -7.07 -2.07 1.00
C LEU B 65 -7.29 -2.03 2.51
N LEU B 66 -7.77 -0.90 2.99
CA LEU B 66 -8.15 -0.69 4.39
C LEU B 66 -9.65 -0.42 4.39
N TYR B 67 -10.42 -1.24 5.11
CA TYR B 67 -11.86 -1.04 5.33
C TYR B 67 -12.01 -0.57 6.76
N TYR B 68 -12.87 0.43 6.98
CA TYR B 68 -12.99 1.01 8.32
C TYR B 68 -14.34 1.58 8.63
N THR B 69 -14.66 1.61 9.93
CA THR B 69 -15.91 2.20 10.40
C THR B 69 -15.75 2.66 11.85
N GLU B 70 -16.58 3.61 12.29
CA GLU B 70 -16.54 4.00 13.70
C GLU B 70 -17.18 2.87 14.50
N PHE B 71 -16.72 2.67 15.75
CA PHE B 71 -17.31 1.67 16.63
C PHE B 71 -16.98 2.02 18.08
N THR B 72 -17.70 1.41 19.03
CA THR B 72 -17.42 1.63 20.44
C THR B 72 -17.30 0.26 21.04
N PRO B 73 -16.08 -0.20 21.32
CA PRO B 73 -15.92 -1.55 21.89
C PRO B 73 -16.60 -1.67 23.25
N THR B 74 -17.10 -2.87 23.54
CA THR B 74 -17.71 -3.22 24.84
C THR B 74 -17.10 -4.58 25.29
N GLU B 75 -17.37 -5.00 26.54
CA GLU B 75 -16.77 -6.25 27.02
C GLU B 75 -17.28 -7.48 26.27
N LYS B 76 -18.59 -7.53 26.00
CA LYS B 76 -19.19 -8.72 25.38
C LYS B 76 -19.42 -8.64 23.86
N ASP B 77 -19.58 -7.43 23.26
CA ASP B 77 -19.79 -7.35 21.82
C ASP B 77 -18.57 -7.85 21.08
N GLU B 78 -18.79 -8.63 20.04
CA GLU B 78 -17.69 -9.17 19.28
C GLU B 78 -17.66 -8.53 17.92
N TYR B 79 -16.46 -8.21 17.47
CA TYR B 79 -16.27 -7.59 16.16
C TYR B 79 -15.39 -8.51 15.34
N ALA B 80 -15.56 -8.46 14.03
CA ALA B 80 -14.80 -9.34 13.15
C ALA B 80 -14.73 -8.77 11.74
N CYS B 81 -13.85 -9.31 10.92
CA CYS B 81 -13.75 -8.98 9.51
C CYS B 81 -14.01 -10.27 8.73
N ARG B 82 -14.86 -10.23 7.68
CA ARG B 82 -15.15 -11.39 6.84
C ARG B 82 -14.71 -11.05 5.44
N VAL B 83 -13.87 -11.91 4.86
CA VAL B 83 -13.29 -11.68 3.56
C VAL B 83 -13.60 -12.80 2.59
N ASN B 84 -13.98 -12.43 1.36
CA ASN B 84 -14.15 -13.44 0.32
C ASN B 84 -13.29 -13.04 -0.87
N HIS B 85 -12.71 -14.02 -1.51
CA HIS B 85 -11.81 -13.80 -2.64
C HIS B 85 -11.80 -15.09 -3.46
N VAL B 86 -11.42 -15.02 -4.74
CA VAL B 86 -11.42 -16.21 -5.60
C VAL B 86 -10.54 -17.34 -5.06
N THR B 87 -9.47 -17.00 -4.30
CA THR B 87 -8.56 -17.99 -3.72
C THR B 87 -9.12 -18.70 -2.49
N LEU B 88 -10.28 -18.27 -1.98
CA LEU B 88 -10.84 -18.87 -0.78
C LEU B 88 -12.04 -19.77 -1.13
N SER B 89 -12.06 -21.00 -0.63
CA SER B 89 -13.23 -21.89 -0.87
C SER B 89 -14.45 -21.46 -0.04
N GLN B 90 -14.21 -20.84 1.12
CA GLN B 90 -15.26 -20.32 1.99
C GLN B 90 -14.79 -18.94 2.52
N PRO B 91 -15.70 -18.05 2.96
CA PRO B 91 -15.25 -16.77 3.53
C PRO B 91 -14.35 -16.98 4.74
N LYS B 92 -13.36 -16.11 4.89
CA LYS B 92 -12.44 -16.19 5.99
C LYS B 92 -12.85 -15.14 7.01
N ILE B 93 -13.09 -15.55 8.25
CA ILE B 93 -13.47 -14.60 9.31
C ILE B 93 -12.33 -14.51 10.32
N VAL B 94 -11.92 -13.29 10.64
CA VAL B 94 -10.89 -13.06 11.61
C VAL B 94 -11.53 -12.20 12.69
N LYS B 95 -11.52 -12.68 13.94
CA LYS B 95 -12.11 -11.95 15.04
C LYS B 95 -11.19 -10.88 15.56
N TRP B 96 -11.75 -9.75 15.97
CA TRP B 96 -10.97 -8.67 16.53
C TRP B 96 -10.55 -9.04 17.94
N ASP B 97 -9.27 -8.89 18.23
CA ASP B 97 -8.70 -9.10 19.57
C ASP B 97 -8.03 -7.75 19.88
N ARG B 98 -8.41 -7.08 20.99
CA ARG B 98 -7.87 -5.73 21.29
C ARG B 98 -6.35 -5.65 21.49
N ASP B 99 -5.68 -6.78 21.70
CA ASP B 99 -4.22 -6.77 21.82
C ASP B 99 -3.53 -7.39 20.62
N MET B 100 -4.14 -7.30 19.44
CA MET B 100 -3.52 -7.76 18.20
C MET B 100 -3.77 -6.76 17.06
N ASN C 1 2.46 15.66 -9.82
CA ASN C 1 2.16 15.87 -11.24
C ASN C 1 2.40 14.56 -11.96
N SER C 2 1.32 13.99 -12.49
CA SER C 2 1.38 12.73 -13.21
C SER C 2 2.06 12.84 -14.58
N ALA C 3 2.52 11.71 -15.12
CA ALA C 3 3.15 11.67 -16.43
C ALA C 3 2.10 11.96 -17.50
N SER C 4 2.52 12.65 -18.55
CA SER C 4 1.61 12.98 -19.65
C SER C 4 1.79 12.08 -20.87
N PHE C 5 2.90 11.35 -20.97
CA PHE C 5 3.15 10.50 -22.13
C PHE C 5 2.64 9.08 -21.98
N SER C 6 1.94 8.58 -23.02
CA SER C 6 1.59 7.17 -23.09
C SER C 6 1.65 6.73 -24.54
N THR C 7 2.04 5.49 -24.73
CA THR C 7 2.12 4.88 -26.05
C THR C 7 1.71 3.42 -25.90
N PHE C 8 1.00 2.90 -26.90
CA PHE C 8 0.47 1.55 -26.86
C PHE C 8 1.50 0.45 -26.64
N LYS C 9 1.08 -0.60 -25.93
CA LYS C 9 1.92 -1.80 -25.74
C LYS C 9 1.80 -2.70 -26.99
C1 GOL D . 1.83 -13.45 -29.59
O1 GOL D . 1.73 -14.88 -29.52
C2 GOL D . 1.89 -12.93 -31.01
O2 GOL D . 3.26 -12.64 -31.32
C3 GOL D . 1.07 -11.68 -31.23
O3 GOL D . 1.61 -10.85 -32.28
S SO4 E . -15.72 -1.05 -4.96
O1 SO4 E . -15.49 -1.98 -3.85
O2 SO4 E . -16.93 -0.26 -4.71
O3 SO4 E . -15.89 -1.82 -6.19
O4 SO4 E . -14.58 -0.14 -5.07
NA NA F . 22.72 -10.26 17.48
CL CL G . 5.76 -4.62 6.90
S SO4 H . -15.08 -12.25 -4.84
O1 SO4 H . -15.83 -13.46 -4.51
O2 SO4 H . -14.91 -11.43 -3.66
O3 SO4 H . -13.77 -12.63 -5.37
O4 SO4 H . -15.81 -11.49 -5.86
NA NA I . -0.87 -17.26 -1.66
CL CL J . -23.91 -0.56 2.88
CA CA K . -1.36 0.18 -35.07
#